data_3MBF
#
_entry.id   3MBF
#
_cell.length_a   121.460
_cell.length_b   135.820
_cell.length_c   61.540
_cell.angle_alpha   90.00
_cell.angle_beta   90.00
_cell.angle_gamma   90.00
#
_symmetry.space_group_name_H-M   'C 2 2 21'
#
loop_
_entity.id
_entity.type
_entity.pdbx_description
1 polymer 'Fructose-bisphosphate aldolase'
2 non-polymer '1,6-FRUCTOSE DIPHOSPHATE (LINEAR FORM)'
3 water water
#
_entity_poly.entity_id   1
_entity_poly.type   'polypeptide(L)'
_entity_poly.pdbx_seq_one_letter_code
;GPGSMMDCDHLLRLGMTAKKILENGKGILAADETPKTLGRRFEKLGITNTEENRRKFREILFSTKGIERYIGGVILNQET
FEQTSGSGVPLTELLKKKGIEIGIKLDKGLIDYKEKEKISVGLEDLDLRCKSSAFKDATFAKWRSLFYFYDGIPSEDCIN
ENCSILAKYAIICQKNGLVPIVEPEVFLEGDYSMKRSYEVTRQILSTLMKYLNYELVYIPGVLIKASYVTSGQLSNEKYT
PKKVATFTLRALLSTIPCGIPGIVFLSGGHGSEDAIGFLNAINMERGCRTWSLSFSFARALTDGVLETWRGDDSNIEEAQ
KILLETSFKACRGAEGKLWDQE
;
_entity_poly.pdbx_strand_id   A
#
loop_
_chem_comp.id
_chem_comp.type
_chem_comp.name
_chem_comp.formula
2FP saccharide '1,6-FRUCTOSE DIPHOSPHATE (LINEAR FORM)' 'C6 H14 O12 P2'
#
# COMPACT_ATOMS: atom_id res chain seq x y z
CA MET A 6 8.74 5.55 -23.21
C MET A 6 8.42 4.79 -24.51
N ASP A 7 9.41 4.01 -24.94
CA ASP A 7 9.29 3.09 -26.06
C ASP A 7 8.78 1.72 -25.57
N CYS A 8 8.62 0.79 -26.50
CA CYS A 8 8.16 -0.57 -26.22
C CYS A 8 8.92 -1.25 -25.06
N ASP A 9 10.24 -1.19 -25.09
CA ASP A 9 11.05 -1.85 -24.06
C ASP A 9 10.81 -1.23 -22.69
N HIS A 10 10.80 0.10 -22.66
CA HIS A 10 10.50 0.88 -21.48
C HIS A 10 9.17 0.43 -20.87
N LEU A 11 8.14 0.27 -21.69
CA LEU A 11 6.82 -0.12 -21.18
C LEU A 11 6.82 -1.56 -20.67
N LEU A 12 7.52 -2.43 -21.37
CA LEU A 12 7.56 -3.84 -20.98
C LEU A 12 8.26 -3.99 -19.64
N ARG A 13 9.33 -3.21 -19.41
CA ARG A 13 9.97 -3.16 -18.08
C ARG A 13 8.97 -2.80 -16.97
N LEU A 14 8.16 -1.75 -17.17
CA LEU A 14 7.18 -1.39 -16.15
C LEU A 14 6.25 -2.57 -15.88
N GLY A 15 5.74 -3.18 -16.95
CA GLY A 15 4.84 -4.35 -16.79
C GLY A 15 5.48 -5.50 -16.01
N MET A 16 6.73 -5.78 -16.33
CA MET A 16 7.45 -6.90 -15.76
C MET A 16 7.70 -6.68 -14.29
N THR A 17 8.02 -5.43 -13.93
CA THR A 17 8.24 -5.05 -12.55
C THR A 17 6.94 -5.24 -11.75
N ALA A 18 5.84 -4.73 -12.28
CA ALA A 18 4.53 -4.94 -11.66
C ALA A 18 4.30 -6.42 -11.41
N LYS A 19 4.61 -7.28 -12.38
CA LYS A 19 4.31 -8.69 -12.23
C LYS A 19 5.28 -9.33 -11.24
N LYS A 20 6.54 -8.90 -11.25
CA LYS A 20 7.54 -9.47 -10.36
C LYS A 20 7.17 -9.23 -8.89
N ILE A 21 6.66 -8.03 -8.59
CA ILE A 21 6.21 -7.71 -7.21
C ILE A 21 5.13 -8.66 -6.67
N LEU A 22 4.21 -9.05 -7.56
CA LEU A 22 3.04 -9.85 -7.17
C LEU A 22 3.15 -11.38 -7.49
N GLU A 23 4.26 -11.79 -8.07
CA GLU A 23 4.55 -13.23 -8.37
C GLU A 23 4.28 -14.17 -7.24
N ASN A 24 3.75 -15.35 -7.54
CA ASN A 24 3.68 -16.43 -6.58
C ASN A 24 3.00 -16.02 -5.29
N GLY A 25 1.92 -15.27 -5.42
CA GLY A 25 1.13 -14.85 -4.25
C GLY A 25 1.77 -13.85 -3.32
N LYS A 26 2.80 -13.17 -3.79
CA LYS A 26 3.48 -12.18 -2.98
C LYS A 26 2.74 -10.85 -2.93
N GLY A 27 3.13 -10.06 -1.94
CA GLY A 27 2.60 -8.72 -1.80
C GLY A 27 3.66 -7.76 -1.29
N ILE A 28 3.17 -6.59 -0.91
CA ILE A 28 4.01 -5.48 -0.55
C ILE A 28 4.04 -5.23 0.96
N LEU A 29 5.24 -5.08 1.51
CA LEU A 29 5.38 -4.55 2.87
C LEU A 29 5.52 -3.03 2.77
N ALA A 30 4.49 -2.29 3.23
CA ALA A 30 4.61 -0.83 3.29
C ALA A 30 5.32 -0.50 4.60
N ALA A 31 6.49 0.13 4.47
CA ALA A 31 7.30 0.62 5.59
C ALA A 31 7.58 2.11 5.43
N ASP A 32 6.67 2.79 4.76
CA ASP A 32 6.94 4.14 4.29
C ASP A 32 6.47 5.27 5.18
N GLU A 33 5.91 4.95 6.32
CA GLU A 33 5.40 5.98 7.25
C GLU A 33 6.36 7.18 7.47
N THR A 34 5.83 8.39 7.36
CA THR A 34 6.56 9.60 7.73
C THR A 34 6.97 9.50 9.21
N PRO A 35 8.00 10.26 9.61
CA PRO A 35 8.36 10.40 11.04
C PRO A 35 7.17 10.69 11.95
N LYS A 36 6.28 11.56 11.52
CA LYS A 36 5.08 11.88 12.28
C LYS A 36 4.11 10.71 12.42
N THR A 37 3.86 9.99 11.34
CA THR A 37 2.95 8.86 11.41
C THR A 37 3.59 7.74 12.28
N LEU A 38 4.85 7.41 12.06
CA LEU A 38 5.46 6.34 12.86
C LEU A 38 5.64 6.76 14.33
N GLY A 39 5.88 8.04 14.54
CA GLY A 39 6.05 8.60 15.88
C GLY A 39 4.83 8.38 16.76
N ARG A 40 3.64 8.63 16.21
CA ARG A 40 2.41 8.41 16.95
CA ARG A 40 2.40 8.41 16.95
C ARG A 40 2.25 6.95 17.34
N ARG A 41 2.57 6.02 16.44
CA ARG A 41 2.50 4.59 16.79
C ARG A 41 3.54 4.23 17.86
N PHE A 42 4.75 4.79 17.73
CA PHE A 42 5.80 4.65 18.73
C PHE A 42 5.41 5.15 20.14
N GLU A 43 4.81 6.33 20.20
CA GLU A 43 4.48 6.95 21.49
C GLU A 43 3.45 6.17 22.28
N LYS A 44 2.48 5.61 21.57
CA LYS A 44 1.45 4.77 22.17
C LYS A 44 2.08 3.63 22.95
N LEU A 45 3.19 3.09 22.45
CA LEU A 45 3.87 1.94 23.05
C LEU A 45 5.06 2.30 23.92
N GLY A 46 5.28 3.59 24.14
CA GLY A 46 6.37 4.02 25.01
C GLY A 46 7.75 4.16 24.36
N ILE A 47 7.83 3.90 23.06
CA ILE A 47 9.07 4.01 22.30
C ILE A 47 9.34 5.46 21.88
N THR A 48 10.51 5.99 22.17
CA THR A 48 10.77 7.39 21.82
C THR A 48 10.94 7.54 20.31
N ASN A 49 10.50 8.68 19.75
CA ASN A 49 10.53 8.87 18.31
C ASN A 49 11.83 9.52 17.85
N THR A 50 12.92 8.76 17.97
CA THR A 50 14.21 9.21 17.48
C THR A 50 14.40 8.68 16.07
N GLU A 51 15.25 9.33 15.30
CA GLU A 51 15.67 8.79 14.03
C GLU A 51 16.26 7.39 14.25
N GLU A 52 17.05 7.24 15.30
CA GLU A 52 17.67 5.96 15.59
C GLU A 52 16.60 4.86 15.74
N ASN A 53 15.55 5.12 16.51
CA ASN A 53 14.49 4.11 16.66
C ASN A 53 13.74 3.75 15.36
N ARG A 54 13.53 4.75 14.50
CA ARG A 54 12.90 4.55 13.22
C ARG A 54 13.81 3.74 12.28
N ARG A 55 15.10 4.05 12.29
CA ARG A 55 16.09 3.30 11.54
C ARG A 55 16.09 1.83 11.99
N LYS A 56 16.06 1.63 13.32
CA LYS A 56 16.18 0.27 13.88
C LYS A 56 14.93 -0.56 13.56
N PHE A 57 13.78 0.09 13.62
CA PHE A 57 12.53 -0.56 13.24
C PHE A 57 12.65 -1.08 11.82
N ARG A 58 13.02 -0.20 10.90
CA ARG A 58 13.13 -0.62 9.51
C ARG A 58 14.15 -1.74 9.33
N GLU A 59 15.29 -1.64 10.00
CA GLU A 59 16.28 -2.70 9.94
C GLU A 59 15.67 -4.00 10.46
N ILE A 60 14.90 -3.91 11.54
CA ILE A 60 14.26 -5.11 12.08
C ILE A 60 13.38 -5.73 11.01
N LEU A 61 12.66 -4.88 10.30
CA LEU A 61 11.77 -5.38 9.27
C LEU A 61 12.61 -6.00 8.15
N PHE A 62 13.53 -5.22 7.60
CA PHE A 62 14.19 -5.64 6.37
C PHE A 62 15.14 -6.80 6.59
N SER A 63 15.63 -6.99 7.80
CA SER A 63 16.59 -8.08 7.99
C SER A 63 15.92 -9.40 8.38
N THR A 64 14.59 -9.46 8.34
CA THR A 64 13.90 -10.67 8.72
C THR A 64 14.21 -11.81 7.73
N LYS A 65 14.69 -12.91 8.26
CA LYS A 65 15.15 -14.03 7.46
C LYS A 65 13.92 -14.68 6.79
N GLY A 66 14.00 -14.90 5.48
CA GLY A 66 12.95 -15.60 4.75
C GLY A 66 11.80 -14.75 4.25
N ILE A 67 11.82 -13.46 4.53
CA ILE A 67 10.70 -12.58 4.19
C ILE A 67 10.45 -12.48 2.67
N GLU A 68 11.50 -12.64 1.88
CA GLU A 68 11.41 -12.59 0.41
C GLU A 68 10.54 -13.66 -0.25
N ARG A 69 10.20 -14.71 0.50
CA ARG A 69 9.28 -15.74 0.01
C ARG A 69 7.83 -15.23 -0.07
N TYR A 70 7.51 -14.24 0.75
CA TYR A 70 6.16 -13.74 0.89
C TYR A 70 6.03 -12.26 0.41
N ILE A 71 7.14 -11.53 0.38
CA ILE A 71 7.16 -10.09 0.14
C ILE A 71 7.88 -9.81 -1.17
N GLY A 72 7.15 -9.30 -2.15
CA GLY A 72 7.73 -8.99 -3.47
C GLY A 72 8.31 -7.59 -3.63
N GLY A 73 7.90 -6.70 -2.75
CA GLY A 73 8.36 -5.33 -2.73
C GLY A 73 8.13 -4.70 -1.36
N VAL A 74 8.97 -3.72 -1.04
CA VAL A 74 8.88 -2.94 0.19
C VAL A 74 8.84 -1.46 -0.17
N ILE A 75 7.84 -0.73 0.35
CA ILE A 75 7.76 0.70 0.19
C ILE A 75 8.55 1.39 1.31
N LEU A 76 9.58 2.11 0.91
CA LEU A 76 10.41 2.86 1.84
C LEU A 76 9.98 4.33 1.96
N ASN A 77 10.12 4.87 3.17
CA ASN A 77 10.17 6.31 3.36
C ASN A 77 11.48 6.91 2.83
N GLN A 78 11.42 8.14 2.33
CA GLN A 78 12.64 8.76 1.78
C GLN A 78 13.85 8.79 2.75
N GLU A 79 13.63 8.99 4.03
CA GLU A 79 14.74 9.09 4.95
C GLU A 79 15.48 7.74 5.03
N THR A 80 14.75 6.64 4.77
CA THR A 80 15.30 5.33 4.92
C THR A 80 16.34 5.00 3.84
N PHE A 81 16.26 5.70 2.72
CA PHE A 81 17.26 5.50 1.66
C PHE A 81 18.65 5.97 2.07
N GLU A 82 18.73 6.84 3.07
CA GLU A 82 19.99 7.41 3.52
C GLU A 82 20.54 6.63 4.73
N GLN A 83 19.85 5.57 5.13
CA GLN A 83 20.14 4.97 6.42
C GLN A 83 20.84 3.64 6.25
N THR A 84 21.64 3.29 7.26
CA THR A 84 22.37 2.05 7.27
C THR A 84 21.95 1.17 8.45
N SER A 85 22.20 -0.14 8.32
CA SER A 85 22.02 -1.08 9.44
C SER A 85 23.05 -0.80 10.52
N GLY A 86 22.81 -1.37 11.70
CA GLY A 86 23.78 -1.35 12.79
C GLY A 86 25.16 -1.81 12.32
N SER A 87 25.18 -2.75 11.36
CA SER A 87 26.40 -3.27 10.77
C SER A 87 27.08 -2.40 9.68
N GLY A 88 26.49 -1.25 9.36
CA GLY A 88 27.02 -0.34 8.33
C GLY A 88 26.53 -0.56 6.89
N VAL A 89 25.75 -1.63 6.71
CA VAL A 89 25.16 -1.95 5.40
C VAL A 89 23.92 -1.06 5.14
N PRO A 90 23.94 -0.26 4.04
CA PRO A 90 22.74 0.44 3.62
C PRO A 90 21.49 -0.42 3.75
N LEU A 91 20.41 0.14 4.31
CA LEU A 91 19.20 -0.64 4.51
C LEU A 91 18.64 -1.17 3.17
N THR A 92 18.77 -0.40 2.10
CA THR A 92 18.37 -0.87 0.78
C THR A 92 19.12 -2.12 0.32
N GLU A 93 20.38 -2.31 0.72
CA GLU A 93 21.12 -3.52 0.39
C GLU A 93 20.56 -4.80 1.06
N LEU A 94 19.97 -4.64 2.24
CA LEU A 94 19.31 -5.77 2.86
C LEU A 94 18.22 -6.30 1.93
N LEU A 95 17.50 -5.39 1.27
CA LEU A 95 16.42 -5.81 0.39
C LEU A 95 16.94 -6.25 -0.97
N LYS A 96 17.93 -5.57 -1.51
CA LYS A 96 18.52 -5.99 -2.80
C LYS A 96 19.10 -7.42 -2.79
N LYS A 97 19.82 -7.77 -1.71
CA LYS A 97 20.41 -9.11 -1.57
C LYS A 97 19.30 -10.21 -1.50
N LYS A 98 18.18 -9.87 -0.89
CA LYS A 98 17.03 -10.77 -0.81
C LYS A 98 16.19 -10.84 -2.10
N GLY A 99 16.50 -9.95 -3.05
CA GLY A 99 15.81 -9.90 -4.33
C GLY A 99 14.47 -9.20 -4.27
N ILE A 100 14.22 -8.43 -3.20
CA ILE A 100 12.96 -7.73 -3.04
C ILE A 100 13.02 -6.36 -3.75
N GLU A 101 11.97 -6.01 -4.49
CA GLU A 101 11.87 -4.72 -5.14
C GLU A 101 11.70 -3.63 -4.10
N ILE A 102 12.40 -2.52 -4.36
CA ILE A 102 12.43 -1.34 -3.52
C ILE A 102 11.55 -0.23 -4.10
N GLY A 103 10.74 0.39 -3.24
CA GLY A 103 9.86 1.45 -3.68
C GLY A 103 10.03 2.66 -2.81
N ILE A 104 9.64 3.81 -3.34
CA ILE A 104 9.76 5.08 -2.66
C ILE A 104 8.37 5.71 -2.59
N LYS A 105 7.93 6.11 -1.39
CA LYS A 105 6.70 6.89 -1.25
C LYS A 105 7.02 8.34 -1.64
N LEU A 106 6.34 8.88 -2.65
CA LEU A 106 6.72 10.19 -3.23
C LEU A 106 5.76 11.36 -2.94
N ASP A 107 4.61 11.12 -2.30
CA ASP A 107 3.75 12.24 -1.91
C ASP A 107 4.33 12.99 -0.77
N LYS A 108 4.02 14.28 -0.66
CA LYS A 108 4.46 15.07 0.49
C LYS A 108 3.30 15.34 1.44
N GLY A 109 2.36 14.43 1.55
CA GLY A 109 1.30 14.56 2.54
C GLY A 109 0.08 15.25 1.94
N LEU A 110 -0.77 15.72 2.85
CA LEU A 110 -2.09 16.21 2.48
C LEU A 110 -2.26 17.65 2.93
N ILE A 111 -3.01 18.42 2.17
CA ILE A 111 -3.47 19.71 2.66
C ILE A 111 -4.98 19.78 2.52
N ASP A 112 -5.58 20.77 3.20
CA ASP A 112 -7.01 20.97 3.21
C ASP A 112 -7.54 21.28 1.85
N TYR A 113 -8.75 20.80 1.59
CA TYR A 113 -9.42 21.00 0.33
C TYR A 113 -10.91 21.19 0.62
N LYS A 114 -11.45 22.32 0.14
CA LYS A 114 -12.82 22.78 0.37
C LYS A 114 -13.12 22.69 1.86
N GLU A 115 -14.22 22.07 2.22
CA GLU A 115 -14.66 21.98 3.58
C GLU A 115 -14.49 20.53 4.04
N LYS A 116 -13.57 20.31 4.97
CA LYS A 116 -13.47 18.99 5.57
C LYS A 116 -12.77 17.94 4.75
N GLU A 117 -12.22 18.27 3.58
CA GLU A 117 -11.61 17.24 2.75
C GLU A 117 -10.13 17.51 2.51
N LYS A 118 -9.49 16.65 1.73
CA LYS A 118 -8.07 16.69 1.55
C LYS A 118 -7.65 16.44 0.13
N ILE A 119 -6.54 17.05 -0.26
CA ILE A 119 -5.80 16.62 -1.44
C ILE A 119 -4.37 16.29 -1.07
N SER A 120 -3.74 15.44 -1.86
CA SER A 120 -2.34 15.11 -1.68
C SER A 120 -1.51 16.06 -2.51
N VAL A 121 -0.25 16.26 -2.10
CA VAL A 121 0.59 17.31 -2.70
C VAL A 121 2.01 16.80 -3.01
N GLY A 122 2.71 17.50 -3.90
CA GLY A 122 4.09 17.18 -4.23
C GLY A 122 4.50 17.05 -5.67
N LEU A 123 3.57 17.30 -6.59
CA LEU A 123 3.81 17.17 -8.02
C LEU A 123 4.84 18.11 -8.62
N GLU A 124 5.04 19.27 -8.02
CA GLU A 124 5.75 20.34 -8.69
C GLU A 124 7.24 19.99 -8.87
N ASP A 125 7.79 19.22 -7.93
CA ASP A 125 9.16 18.68 -8.12
C ASP A 125 9.23 17.13 -8.19
N LEU A 126 8.13 16.46 -8.49
CA LEU A 126 8.12 15.02 -8.58
C LEU A 126 9.07 14.45 -9.63
N ASP A 127 9.13 15.10 -10.77
CA ASP A 127 10.01 14.68 -11.84
C ASP A 127 11.45 14.73 -11.38
N LEU A 128 11.86 15.88 -10.82
CA LEU A 128 13.18 16.01 -10.19
C LEU A 128 13.48 14.92 -9.16
N ARG A 129 12.54 14.67 -8.23
CA ARG A 129 12.78 13.70 -7.16
C ARG A 129 12.89 12.26 -7.71
N CYS A 130 12.11 11.92 -8.73
CA CYS A 130 12.26 10.62 -9.41
C CYS A 130 13.67 10.37 -9.92
N LYS A 131 14.33 11.43 -10.40
CA LYS A 131 15.71 11.34 -10.89
C LYS A 131 16.82 11.39 -9.79
N SER A 132 16.45 11.56 -8.50
CA SER A 132 17.47 11.67 -7.43
CA SER A 132 17.47 11.69 -7.45
C SER A 132 18.30 10.41 -7.32
N SER A 133 19.59 10.58 -7.04
CA SER A 133 20.49 9.44 -6.89
C SER A 133 20.14 8.59 -5.64
N ALA A 134 19.55 9.24 -4.65
CA ALA A 134 19.08 8.55 -3.45
C ALA A 134 18.11 7.42 -3.77
N PHE A 135 17.25 7.58 -4.78
CA PHE A 135 16.28 6.55 -5.20
C PHE A 135 16.68 5.70 -6.41
N LYS A 136 17.98 5.66 -6.72
CA LYS A 136 18.52 4.93 -7.87
C LYS A 136 18.11 3.45 -7.88
N ASP A 137 18.04 2.82 -6.70
CA ASP A 137 17.69 1.40 -6.68
C ASP A 137 16.19 1.16 -6.65
N ALA A 138 15.39 2.21 -6.51
CA ALA A 138 13.92 2.08 -6.49
C ALA A 138 13.45 1.64 -7.86
N THR A 139 12.47 0.74 -7.92
CA THR A 139 11.84 0.40 -9.20
C THR A 139 10.33 0.65 -9.19
N PHE A 140 9.79 1.10 -8.05
CA PHE A 140 8.41 1.50 -7.98
C PHE A 140 8.20 2.61 -7.00
N ALA A 141 6.99 3.14 -6.99
CA ALA A 141 6.70 4.25 -6.09
C ALA A 141 5.29 4.13 -5.55
N LYS A 142 4.99 4.98 -4.56
CA LYS A 142 3.64 5.09 -4.04
C LYS A 142 3.28 6.53 -3.74
N TRP A 143 1.99 6.85 -3.85
CA TRP A 143 1.44 8.16 -3.57
C TRP A 143 0.03 7.96 -3.04
N ARG A 144 -0.25 8.56 -1.88
CA ARG A 144 -1.53 8.39 -1.23
C ARG A 144 -2.45 9.64 -1.23
N SER A 145 -3.71 9.47 -1.63
CA SER A 145 -4.75 10.42 -1.33
C SER A 145 -5.63 9.77 -0.29
N LEU A 146 -6.37 10.59 0.44
CA LEU A 146 -7.25 10.13 1.50
C LEU A 146 -8.61 10.80 1.34
N PHE A 147 -9.67 10.00 1.33
CA PHE A 147 -11.04 10.47 1.18
C PHE A 147 -11.82 10.37 2.49
N TYR A 148 -12.03 11.52 3.15
CA TYR A 148 -12.89 11.58 4.32
C TYR A 148 -14.36 11.40 3.90
N PHE A 149 -15.14 10.79 4.78
CA PHE A 149 -16.57 10.59 4.63
C PHE A 149 -17.35 11.29 5.71
N TYR A 150 -18.27 12.15 5.30
CA TYR A 150 -19.22 12.82 6.18
C TYR A 150 -20.43 12.92 5.25
N ASP A 151 -21.51 13.58 5.68
CA ASP A 151 -22.68 13.72 4.86
C ASP A 151 -22.28 14.61 3.69
N GLY A 152 -22.63 14.20 2.48
CA GLY A 152 -22.33 15.01 1.30
C GLY A 152 -20.90 14.93 0.82
N ILE A 153 -20.09 14.07 1.47
CA ILE A 153 -18.66 13.96 1.22
C ILE A 153 -18.22 12.46 1.21
N PRO A 154 -17.33 12.06 0.27
CA PRO A 154 -16.48 12.82 -0.62
C PRO A 154 -17.26 13.62 -1.62
N SER A 155 -16.91 14.88 -1.84
CA SER A 155 -17.56 15.69 -2.90
C SER A 155 -16.97 15.27 -4.27
N GLU A 156 -17.78 15.44 -5.32
CA GLU A 156 -17.31 15.21 -6.69
C GLU A 156 -16.02 16.02 -7.04
N ASP A 157 -15.90 17.26 -6.55
CA ASP A 157 -14.67 18.05 -6.76
C ASP A 157 -13.45 17.34 -6.18
N CYS A 158 -13.60 16.81 -4.97
CA CYS A 158 -12.48 16.14 -4.28
C CYS A 158 -12.08 14.83 -4.97
N ILE A 159 -13.06 14.10 -5.46
CA ILE A 159 -12.80 12.89 -6.20
C ILE A 159 -12.01 13.20 -7.48
N ASN A 160 -12.49 14.19 -8.23
CA ASN A 160 -11.82 14.61 -9.47
C ASN A 160 -10.44 15.11 -9.25
N GLU A 161 -10.29 16.01 -8.31
CA GLU A 161 -8.97 16.58 -8.02
C GLU A 161 -7.95 15.55 -7.55
N ASN A 162 -8.35 14.67 -6.65
CA ASN A 162 -7.42 13.65 -6.15
C ASN A 162 -7.06 12.63 -7.23
N CYS A 163 -8.06 12.29 -8.05
CA CYS A 163 -7.85 11.30 -9.08
C CYS A 163 -6.92 11.92 -10.12
N SER A 164 -7.10 13.19 -10.39
CA SER A 164 -6.22 13.88 -11.32
C SER A 164 -4.79 13.95 -10.82
N ILE A 165 -4.60 14.25 -9.54
CA ILE A 165 -3.27 14.21 -8.92
C ILE A 165 -2.64 12.82 -8.98
N LEU A 166 -3.42 11.78 -8.69
CA LEU A 166 -2.86 10.43 -8.73
C LEU A 166 -2.38 10.11 -10.16
N ALA A 167 -3.16 10.50 -11.15
CA ALA A 167 -2.87 10.19 -12.55
C ALA A 167 -1.66 10.94 -13.05
N LYS A 168 -1.52 12.21 -12.63
CA LYS A 168 -0.33 12.98 -13.02
C LYS A 168 0.95 12.41 -12.39
N TYR A 169 0.84 11.97 -11.16
CA TYR A 169 1.90 11.25 -10.49
C TYR A 169 2.25 10.00 -11.24
N ALA A 170 1.22 9.29 -11.69
CA ALA A 170 1.44 8.00 -12.34
C ALA A 170 2.28 8.15 -13.61
N ILE A 171 1.91 9.10 -14.46
CA ILE A 171 2.61 9.30 -15.72
C ILE A 171 4.04 9.82 -15.46
N ILE A 172 4.23 10.71 -14.50
CA ILE A 172 5.57 11.16 -14.21
C ILE A 172 6.46 9.99 -13.75
N CYS A 173 5.95 9.15 -12.84
CA CYS A 173 6.69 7.98 -12.42
C CYS A 173 7.08 7.12 -13.60
N GLN A 174 6.10 6.79 -14.44
CA GLN A 174 6.35 5.91 -15.54
C GLN A 174 7.37 6.46 -16.53
N LYS A 175 7.26 7.74 -16.90
CA LYS A 175 8.27 8.36 -17.75
C LYS A 175 9.68 8.26 -17.11
N ASN A 176 9.75 8.13 -15.79
CA ASN A 176 11.02 7.94 -15.11
C ASN A 176 11.38 6.48 -14.81
N GLY A 177 10.61 5.52 -15.33
CA GLY A 177 11.04 4.11 -15.25
C GLY A 177 10.57 3.51 -13.95
N LEU A 178 9.61 4.18 -13.28
CA LEU A 178 9.06 3.69 -12.01
C LEU A 178 7.61 3.25 -12.18
N VAL A 179 7.27 2.10 -11.63
CA VAL A 179 5.89 1.64 -11.63
C VAL A 179 5.17 2.34 -10.49
N PRO A 180 4.14 3.13 -10.78
CA PRO A 180 3.45 3.81 -9.71
C PRO A 180 2.39 2.94 -9.07
N ILE A 181 2.36 2.97 -7.75
CA ILE A 181 1.19 2.52 -6.99
C ILE A 181 0.40 3.79 -6.66
N VAL A 182 -0.88 3.80 -7.03
CA VAL A 182 -1.81 4.87 -6.72
C VAL A 182 -2.73 4.40 -5.57
N GLU A 183 -2.83 5.22 -4.51
CA GLU A 183 -3.56 4.83 -3.32
C GLU A 183 -4.70 5.81 -3.01
N PRO A 184 -5.89 5.58 -3.59
CA PRO A 184 -7.04 6.33 -3.27
C PRO A 184 -7.76 5.77 -2.01
N GLU A 185 -7.19 6.01 -0.85
CA GLU A 185 -7.71 5.43 0.37
C GLU A 185 -9.04 6.02 0.78
N VAL A 186 -10.04 5.17 1.04
CA VAL A 186 -11.31 5.54 1.65
C VAL A 186 -11.12 5.38 3.14
N PHE A 187 -11.18 6.49 3.88
CA PHE A 187 -10.80 6.54 5.27
C PHE A 187 -11.86 5.83 6.09
N LEU A 188 -11.40 4.84 6.88
CA LEU A 188 -12.24 3.98 7.71
C LEU A 188 -12.92 4.75 8.81
N GLU A 189 -12.25 5.77 9.33
CA GLU A 189 -12.73 6.59 10.44
C GLU A 189 -13.74 7.57 9.95
N GLY A 190 -14.99 7.13 9.92
CA GLY A 190 -16.09 7.97 9.57
C GLY A 190 -17.37 7.19 9.84
N ASP A 191 -18.49 7.87 9.62
CA ASP A 191 -19.78 7.27 9.83
C ASP A 191 -20.42 7.14 8.45
N TYR A 192 -20.54 5.90 7.98
CA TYR A 192 -21.14 5.64 6.70
C TYR A 192 -21.42 4.16 6.64
N SER A 193 -22.47 3.82 5.92
CA SER A 193 -22.91 2.45 5.75
C SER A 193 -21.99 1.74 4.77
N MET A 194 -22.08 0.42 4.74
CA MET A 194 -21.31 -0.35 3.79
C MET A 194 -21.82 -0.12 2.37
N LYS A 195 -23.12 0.05 2.24
CA LYS A 195 -23.73 0.31 0.94
C LYS A 195 -23.17 1.63 0.36
N ARG A 196 -23.12 2.66 1.17
CA ARG A 196 -22.56 3.92 0.77
C ARG A 196 -21.09 3.82 0.40
N SER A 197 -20.36 2.95 1.10
CA SER A 197 -18.97 2.79 0.79
C SER A 197 -18.81 2.08 -0.56
N TYR A 198 -19.65 1.07 -0.77
CA TYR A 198 -19.72 0.40 -2.08
C TYR A 198 -19.89 1.44 -3.19
N GLU A 199 -20.88 2.31 -3.04
CA GLU A 199 -21.23 3.24 -4.11
C GLU A 199 -20.10 4.22 -4.33
N VAL A 200 -19.52 4.75 -3.25
CA VAL A 200 -18.50 5.76 -3.41
C VAL A 200 -17.20 5.17 -3.90
N THR A 201 -16.87 3.96 -3.47
CA THR A 201 -15.69 3.26 -4.01
C THR A 201 -15.81 3.13 -5.52
N ARG A 202 -17.00 2.83 -6.01
CA ARG A 202 -17.25 2.74 -7.44
C ARG A 202 -17.15 4.08 -8.17
N GLN A 203 -17.58 5.16 -7.52
CA GLN A 203 -17.27 6.52 -8.00
C GLN A 203 -15.76 6.82 -8.08
N ILE A 204 -15.04 6.49 -7.01
CA ILE A 204 -13.61 6.85 -6.95
C ILE A 204 -12.79 6.00 -7.93
N LEU A 205 -12.97 4.69 -7.93
CA LEU A 205 -12.15 3.81 -8.75
C LEU A 205 -12.38 4.08 -10.22
N SER A 206 -13.64 4.25 -10.62
CA SER A 206 -13.95 4.60 -12.02
C SER A 206 -13.44 5.96 -12.49
N THR A 207 -13.51 6.96 -11.64
CA THR A 207 -12.97 8.27 -11.94
C THR A 207 -11.43 8.20 -11.99
N LEU A 208 -10.84 7.40 -11.10
CA LEU A 208 -9.39 7.22 -11.13
C LEU A 208 -8.96 6.67 -12.52
N MET A 209 -9.64 5.63 -12.98
CA MET A 209 -9.32 5.04 -14.26
C MET A 209 -9.57 6.05 -15.37
N LYS A 210 -10.53 6.97 -15.19
CA LYS A 210 -10.71 8.03 -16.19
C LYS A 210 -9.46 8.86 -16.27
N TYR A 211 -8.97 9.31 -15.12
CA TYR A 211 -7.83 10.21 -15.12
C TYR A 211 -6.54 9.52 -15.57
N LEU A 212 -6.32 8.28 -15.16
CA LEU A 212 -5.17 7.51 -15.67
C LEU A 212 -5.16 7.44 -17.19
N ASN A 213 -6.35 7.26 -17.75
CA ASN A 213 -6.51 7.20 -19.20
C ASN A 213 -6.34 8.54 -19.93
N TYR A 214 -6.82 9.62 -19.33
CA TYR A 214 -6.62 10.95 -19.89
C TYR A 214 -5.14 11.31 -19.90
N GLU A 215 -4.36 10.81 -18.95
CA GLU A 215 -2.92 11.07 -18.92
C GLU A 215 -2.14 10.06 -19.76
N LEU A 216 -2.82 9.11 -20.40
CA LEU A 216 -2.18 8.11 -21.29
C LEU A 216 -1.18 7.29 -20.51
N VAL A 217 -1.53 6.98 -19.27
CA VAL A 217 -0.73 6.08 -18.47
C VAL A 217 -0.78 4.68 -19.02
N TYR A 218 0.35 3.98 -18.93
CA TYR A 218 0.45 2.60 -19.38
C TYR A 218 -0.17 1.77 -18.28
N ILE A 219 -1.39 1.31 -18.53
CA ILE A 219 -2.18 0.66 -17.54
C ILE A 219 -1.58 -0.66 -17.06
N PRO A 220 -0.94 -1.45 -17.95
CA PRO A 220 -0.29 -2.65 -17.41
C PRO A 220 0.88 -2.39 -16.47
N GLY A 221 1.27 -1.12 -16.33
CA GLY A 221 2.33 -0.71 -15.42
C GLY A 221 1.90 0.13 -14.24
N VAL A 222 0.65 -0.03 -13.78
CA VAL A 222 0.11 0.66 -12.63
C VAL A 222 -0.48 -0.32 -11.61
N LEU A 223 -0.22 -0.11 -10.34
CA LEU A 223 -0.77 -0.94 -9.28
C LEU A 223 -1.74 -0.05 -8.50
N ILE A 224 -2.89 -0.62 -8.10
CA ILE A 224 -3.87 0.14 -7.39
C ILE A 224 -3.92 -0.32 -5.97
N LYS A 225 -3.72 0.64 -5.04
CA LYS A 225 -3.75 0.34 -3.63
C LYS A 225 -5.05 0.87 -3.01
N ALA A 226 -5.93 -0.05 -2.68
CA ALA A 226 -7.33 0.26 -2.46
C ALA A 226 -7.80 -0.20 -1.07
N SER A 227 -8.83 0.48 -0.58
CA SER A 227 -9.52 0.13 0.64
C SER A 227 -10.51 -0.96 0.36
N TYR A 228 -10.65 -1.87 1.32
CA TYR A 228 -11.74 -2.79 1.34
C TYR A 228 -13.06 -2.02 1.45
N VAL A 229 -14.14 -2.56 0.85
CA VAL A 229 -15.44 -1.94 0.98
C VAL A 229 -16.02 -2.44 2.27
N THR A 230 -16.18 -1.54 3.24
CA THR A 230 -16.77 -1.85 4.53
C THR A 230 -17.53 -0.62 5.02
N SER A 231 -18.29 -0.78 6.08
CA SER A 231 -18.89 0.37 6.72
C SER A 231 -17.80 1.11 7.52
N GLY A 232 -18.10 2.33 7.92
CA GLY A 232 -17.17 3.14 8.68
C GLY A 232 -17.10 2.72 10.13
N GLN A 233 -15.97 2.97 10.76
CA GLN A 233 -15.75 2.60 12.16
C GLN A 233 -16.82 3.15 13.12
N LEU A 234 -17.35 4.34 12.84
CA LEU A 234 -18.31 4.96 13.75
C LEU A 234 -19.73 4.53 13.46
N SER A 235 -19.91 3.68 12.46
CA SER A 235 -21.19 3.13 12.14
C SER A 235 -21.45 1.99 13.11
N ASN A 236 -22.71 1.71 13.38
CA ASN A 236 -23.02 0.48 14.13
C ASN A 236 -23.37 -0.67 13.19
N GLU A 237 -22.93 -0.59 11.93
CA GLU A 237 -23.24 -1.63 10.99
C GLU A 237 -22.19 -2.76 11.08
N LYS A 238 -22.61 -4.00 11.10
CA LYS A 238 -21.67 -5.10 11.20
C LYS A 238 -21.46 -5.67 9.80
N TYR A 239 -20.29 -6.24 9.57
CA TYR A 239 -20.02 -6.99 8.35
C TYR A 239 -19.16 -8.23 8.67
N THR A 240 -19.04 -9.13 7.69
CA THR A 240 -18.20 -10.31 7.79
C THR A 240 -17.21 -10.37 6.61
N PRO A 241 -16.17 -11.20 6.73
CA PRO A 241 -15.24 -11.32 5.61
C PRO A 241 -15.91 -11.61 4.26
N LYS A 242 -16.94 -12.45 4.26
CA LYS A 242 -17.63 -12.81 3.00
C LYS A 242 -18.35 -11.61 2.36
N LYS A 243 -19.04 -10.83 3.17
CA LYS A 243 -19.74 -9.63 2.69
C LYS A 243 -18.73 -8.60 2.17
N VAL A 244 -17.62 -8.41 2.89
CA VAL A 244 -16.55 -7.54 2.40
C VAL A 244 -15.98 -8.05 1.07
N ALA A 245 -15.74 -9.35 0.97
CA ALA A 245 -15.28 -9.98 -0.28
C ALA A 245 -16.26 -9.76 -1.41
N THR A 246 -17.54 -9.98 -1.16
CA THR A 246 -18.53 -9.83 -2.21
C THR A 246 -18.60 -8.37 -2.71
N PHE A 247 -18.72 -7.43 -1.79
CA PHE A 247 -18.86 -6.05 -2.10
C PHE A 247 -17.60 -5.51 -2.74
N THR A 248 -16.45 -5.88 -2.21
CA THR A 248 -15.18 -5.32 -2.71
C THR A 248 -14.95 -5.90 -4.08
N LEU A 249 -15.05 -7.21 -4.23
CA LEU A 249 -14.88 -7.80 -5.58
C LEU A 249 -15.86 -7.19 -6.59
N ARG A 250 -17.14 -7.01 -6.24
CA ARG A 250 -18.07 -6.42 -7.20
C ARG A 250 -17.68 -5.02 -7.63
N ALA A 251 -17.21 -4.23 -6.68
CA ALA A 251 -16.74 -2.87 -6.96
C ALA A 251 -15.57 -2.88 -7.96
N LEU A 252 -14.67 -3.82 -7.77
CA LEU A 252 -13.48 -3.96 -8.61
C LEU A 252 -13.79 -4.51 -9.99
N LEU A 253 -14.56 -5.58 -10.07
CA LEU A 253 -15.05 -6.03 -11.39
C LEU A 253 -15.82 -4.97 -12.14
N SER A 254 -16.49 -4.08 -11.43
CA SER A 254 -17.24 -3.01 -12.12
C SER A 254 -16.37 -1.85 -12.66
N THR A 255 -15.14 -1.72 -12.16
CA THR A 255 -14.37 -0.49 -12.40
C THR A 255 -12.94 -0.69 -12.90
N ILE A 256 -12.29 -1.83 -12.60
CA ILE A 256 -10.87 -1.99 -12.94
C ILE A 256 -10.63 -2.78 -14.22
N PRO A 257 -10.05 -2.12 -15.24
CA PRO A 257 -9.81 -2.75 -16.54
C PRO A 257 -8.92 -4.00 -16.49
N CYS A 258 -9.06 -4.85 -17.50
CA CYS A 258 -8.30 -6.06 -17.60
C CYS A 258 -6.79 -5.82 -17.59
N GLY A 259 -6.35 -4.67 -18.07
CA GLY A 259 -4.95 -4.38 -18.19
C GLY A 259 -4.23 -4.10 -16.90
N ILE A 260 -4.97 -3.74 -15.83
CA ILE A 260 -4.31 -3.47 -14.54
C ILE A 260 -3.73 -4.80 -14.03
N PRO A 261 -2.46 -4.83 -13.58
CA PRO A 261 -1.92 -6.13 -13.20
C PRO A 261 -2.32 -6.59 -11.82
N GLY A 262 -2.59 -5.66 -10.92
CA GLY A 262 -2.99 -6.06 -9.61
C GLY A 262 -3.60 -4.96 -8.77
N ILE A 263 -4.43 -5.38 -7.82
CA ILE A 263 -4.90 -4.55 -6.75
C ILE A 263 -4.22 -5.03 -5.48
N VAL A 264 -3.71 -4.12 -4.70
CA VAL A 264 -2.99 -4.43 -3.50
C VAL A 264 -3.73 -3.72 -2.36
N PHE A 265 -4.38 -4.48 -1.50
CA PHE A 265 -5.17 -3.87 -0.42
C PHE A 265 -4.34 -3.24 0.66
N LEU A 266 -4.76 -2.05 1.10
CA LEU A 266 -4.29 -1.41 2.34
C LEU A 266 -5.06 -1.90 3.57
N SER A 267 -4.42 -1.99 4.73
CA SER A 267 -5.12 -2.52 5.91
C SER A 267 -6.03 -1.47 6.57
N GLY A 268 -5.63 -0.21 6.47
CA GLY A 268 -6.51 0.91 6.73
C GLY A 268 -7.04 1.18 8.13
N GLY A 269 -6.49 0.49 9.13
CA GLY A 269 -7.04 0.56 10.49
C GLY A 269 -7.89 -0.67 10.82
N HIS A 270 -8.02 -1.60 9.87
CA HIS A 270 -8.72 -2.85 10.12
C HIS A 270 -7.82 -3.78 10.93
N GLY A 271 -8.38 -4.79 11.54
CA GLY A 271 -7.44 -5.78 12.13
C GLY A 271 -6.34 -6.26 11.13
N SER A 272 -5.12 -6.51 11.60
CA SER A 272 -4.26 -7.45 10.90
C SER A 272 -5.02 -8.75 10.50
N GLU A 273 -5.68 -9.34 11.48
CA GLU A 273 -6.57 -10.48 11.31
C GLU A 273 -7.65 -10.25 10.27
N ASP A 274 -8.36 -9.13 10.39
CA ASP A 274 -9.42 -8.86 9.43
C ASP A 274 -8.85 -8.54 8.04
N ALA A 275 -7.74 -7.81 7.98
CA ALA A 275 -7.18 -7.40 6.68
C ALA A 275 -6.76 -8.66 5.91
N ILE A 276 -6.15 -9.59 6.62
CA ILE A 276 -5.71 -10.84 5.98
C ILE A 276 -6.93 -11.74 5.65
N GLY A 277 -7.92 -11.85 6.54
CA GLY A 277 -9.10 -12.67 6.27
C GLY A 277 -9.96 -12.11 5.13
N PHE A 278 -10.07 -10.79 5.05
CA PHE A 278 -10.74 -10.18 3.90
C PHE A 278 -9.99 -10.53 2.57
N LEU A 279 -8.66 -10.54 2.60
CA LEU A 279 -7.88 -10.86 1.41
C LEU A 279 -8.15 -12.29 1.01
N ASN A 280 -8.16 -13.19 1.98
CA ASN A 280 -8.34 -14.61 1.66
C ASN A 280 -9.73 -14.83 1.07
N ALA A 281 -10.69 -14.23 1.75
CA ALA A 281 -12.10 -14.29 1.36
C ALA A 281 -12.31 -13.77 -0.08
N ILE A 282 -11.76 -12.60 -0.39
CA ILE A 282 -11.89 -12.05 -1.74
C ILE A 282 -11.25 -12.97 -2.81
N ASN A 283 -10.13 -13.61 -2.49
CA ASN A 283 -9.50 -14.58 -3.39
C ASN A 283 -10.19 -15.93 -3.48
N MET A 284 -11.12 -16.21 -2.58
CA MET A 284 -11.95 -17.41 -2.71
C MET A 284 -13.17 -17.15 -3.59
N GLU A 285 -13.57 -15.89 -3.77
CA GLU A 285 -14.76 -15.55 -4.60
C GLU A 285 -14.59 -15.94 -6.05
N ARG A 286 -15.68 -16.37 -6.69
CA ARG A 286 -15.68 -16.66 -8.12
C ARG A 286 -15.94 -15.32 -8.87
N GLY A 287 -15.59 -15.27 -10.15
CA GLY A 287 -15.75 -14.03 -10.95
C GLY A 287 -14.47 -13.82 -11.73
N CYS A 288 -14.53 -14.03 -13.03
CA CYS A 288 -13.34 -13.98 -13.85
C CYS A 288 -12.69 -12.62 -13.77
N ARG A 289 -11.39 -12.65 -13.58
CA ARG A 289 -10.61 -11.42 -13.59
CA ARG A 289 -10.58 -11.45 -13.42
C ARG A 289 -9.17 -11.74 -13.94
N THR A 290 -8.50 -10.71 -14.44
CA THR A 290 -7.14 -10.83 -14.93
C THR A 290 -6.13 -10.35 -13.88
N TRP A 291 -6.52 -9.40 -13.02
CA TRP A 291 -5.56 -8.83 -12.08
C TRP A 291 -5.42 -9.71 -10.85
N SER A 292 -4.23 -9.75 -10.28
CA SER A 292 -4.03 -10.34 -8.97
C SER A 292 -4.68 -9.48 -7.89
N LEU A 293 -5.04 -10.12 -6.79
CA LEU A 293 -5.61 -9.49 -5.60
C LEU A 293 -4.70 -9.83 -4.42
N SER A 294 -3.88 -8.84 -4.05
CA SER A 294 -2.84 -9.03 -3.10
C SER A 294 -2.90 -7.91 -2.07
N PHE A 295 -1.75 -7.60 -1.45
CA PHE A 295 -1.71 -6.72 -0.32
C PHE A 295 -0.56 -5.73 -0.37
N SER A 296 -0.80 -4.57 0.23
CA SER A 296 0.25 -3.66 0.49
C SER A 296 -0.04 -3.14 1.87
N PHE A 297 0.43 -3.89 2.86
CA PHE A 297 0.10 -3.61 4.24
C PHE A 297 1.26 -2.95 4.94
N ALA A 298 0.97 -1.95 5.78
CA ALA A 298 1.92 -1.55 6.81
C ALA A 298 1.43 -2.09 8.14
N ARG A 299 0.35 -1.50 8.66
CA ARG A 299 -0.15 -1.87 9.98
C ARG A 299 -0.43 -3.37 10.12
N ALA A 300 -1.12 -3.95 9.14
CA ALA A 300 -1.49 -5.37 9.22
C ALA A 300 -0.24 -6.26 9.33
N LEU A 301 0.87 -5.80 8.80
CA LEU A 301 2.10 -6.59 8.84
C LEU A 301 2.99 -6.21 10.02
N THR A 302 2.96 -4.96 10.49
CA THR A 302 4.03 -4.49 11.39
C THR A 302 3.56 -4.01 12.77
N ASP A 303 2.26 -3.87 12.97
CA ASP A 303 1.72 -3.57 14.30
C ASP A 303 2.19 -4.62 15.31
N GLY A 304 2.14 -5.87 14.91
CA GLY A 304 2.56 -6.97 15.77
C GLY A 304 4.05 -6.91 16.11
N VAL A 305 4.84 -6.43 15.15
CA VAL A 305 6.29 -6.27 15.34
C VAL A 305 6.51 -5.17 16.36
N LEU A 306 5.85 -4.06 16.18
CA LEU A 306 5.99 -2.97 17.13
C LEU A 306 5.58 -3.38 18.53
N GLU A 307 4.44 -4.06 18.67
CA GLU A 307 3.90 -4.46 19.97
C GLU A 307 4.81 -5.47 20.66
N THR A 308 5.34 -6.41 19.88
CA THR A 308 6.28 -7.41 20.40
C THR A 308 7.66 -6.79 20.76
N TRP A 309 8.18 -5.91 19.90
CA TRP A 309 9.52 -5.33 20.05
C TRP A 309 9.58 -4.34 21.20
N ARG A 310 8.79 -3.28 21.11
CA ARG A 310 8.63 -2.28 22.17
C ARG A 310 9.90 -1.58 22.55
N GLY A 311 10.80 -1.42 21.59
CA GLY A 311 12.05 -0.71 21.81
C GLY A 311 13.06 -1.50 22.62
N ASP A 312 12.78 -2.78 22.82
CA ASP A 312 13.65 -3.64 23.60
C ASP A 312 14.31 -4.65 22.66
N ASP A 313 15.57 -4.42 22.33
CA ASP A 313 16.34 -5.34 21.48
C ASP A 313 16.18 -6.83 21.85
N SER A 314 16.00 -7.15 23.14
CA SER A 314 15.80 -8.56 23.56
C SER A 314 14.58 -9.18 22.85
N ASN A 315 13.60 -8.35 22.49
CA ASN A 315 12.38 -8.83 21.88
C ASN A 315 12.43 -8.93 20.36
N ILE A 316 13.56 -8.56 19.74
CA ILE A 316 13.63 -8.42 18.28
C ILE A 316 13.34 -9.71 17.51
N GLU A 317 13.92 -10.81 17.95
CA GLU A 317 13.77 -12.04 17.22
C GLU A 317 12.30 -12.48 17.17
N GLU A 318 11.65 -12.38 18.33
CA GLU A 318 10.23 -12.66 18.42
CA GLU A 318 10.22 -12.61 18.49
C GLU A 318 9.47 -11.68 17.52
N ALA A 319 9.88 -10.41 17.48
CA ALA A 319 9.29 -9.46 16.54
C ALA A 319 9.42 -9.92 15.07
N GLN A 320 10.59 -10.43 14.69
CA GLN A 320 10.83 -10.82 13.29
C GLN A 320 10.03 -12.07 12.90
N LYS A 321 9.90 -12.95 13.87
CA LYS A 321 9.15 -14.16 13.71
C LYS A 321 7.66 -13.85 13.52
N ILE A 322 7.14 -12.85 14.22
CA ILE A 322 5.78 -12.41 14.01
C ILE A 322 5.59 -11.82 12.61
N LEU A 323 6.57 -11.06 12.13
CA LEU A 323 6.51 -10.50 10.78
C LEU A 323 6.49 -11.63 9.75
N LEU A 324 7.37 -12.61 9.93
CA LEU A 324 7.46 -13.70 8.98
C LEU A 324 6.17 -14.53 8.99
N GLU A 325 5.57 -14.71 10.16
CA GLU A 325 4.34 -15.49 10.28
C GLU A 325 3.16 -14.74 9.68
N THR A 326 3.07 -13.44 9.93
CA THR A 326 2.00 -12.63 9.35
C THR A 326 2.15 -12.47 7.84
N SER A 327 3.40 -12.30 7.38
CA SER A 327 3.68 -12.25 5.96
C SER A 327 3.24 -13.52 5.22
N PHE A 328 3.52 -14.67 5.84
CA PHE A 328 3.10 -15.97 5.31
C PHE A 328 1.60 -16.02 5.19
N LYS A 329 0.89 -15.55 6.22
CA LYS A 329 -0.56 -15.62 6.22
C LYS A 329 -1.12 -14.75 5.10
N ALA A 330 -0.56 -13.55 4.93
CA ALA A 330 -1.01 -12.61 3.87
C ALA A 330 -0.73 -13.18 2.50
N CYS A 331 0.41 -13.84 2.33
CA CYS A 331 0.73 -14.49 1.05
C CYS A 331 -0.26 -15.63 0.74
N ARG A 332 -0.55 -16.48 1.74
CA ARG A 332 -1.54 -17.55 1.55
C ARG A 332 -2.87 -16.96 1.20
N GLY A 333 -3.23 -15.90 1.90
CA GLY A 333 -4.49 -15.21 1.67
C GLY A 333 -4.55 -14.57 0.30
N ALA A 334 -3.43 -14.07 -0.22
CA ALA A 334 -3.40 -13.52 -1.61
C ALA A 334 -3.68 -14.58 -2.69
N GLU A 335 -3.53 -15.86 -2.34
CA GLU A 335 -3.92 -16.96 -3.23
C GLU A 335 -5.20 -17.69 -2.79
N GLY A 336 -5.92 -17.14 -1.82
CA GLY A 336 -7.10 -17.84 -1.32
C GLY A 336 -6.85 -19.16 -0.61
N LYS A 337 -5.67 -19.36 -0.04
CA LYS A 337 -5.31 -20.64 0.57
C LYS A 337 -5.08 -20.65 2.07
N LEU A 338 -5.65 -19.70 2.77
CA LEU A 338 -5.38 -19.53 4.17
C LEU A 338 -5.92 -20.71 5.00
N TRP A 339 -7.03 -21.29 4.54
CA TRP A 339 -7.61 -22.47 5.20
C TRP A 339 -6.84 -23.73 4.93
N ASP A 340 -6.05 -23.73 3.85
CA ASP A 340 -5.30 -24.95 3.43
C ASP A 340 -3.92 -25.04 4.04
N GLN A 341 -3.55 -26.23 4.50
CA GLN A 341 -2.19 -26.46 4.97
C GLN A 341 -1.24 -26.73 3.81
N GLU A 342 -0.15 -25.95 3.79
CA GLU A 342 0.91 -26.00 2.75
C GLU A 342 1.40 -27.43 2.48
P6 2FP B . 2.00 8.37 5.86
O6 2FP B . 2.11 6.80 5.62
C6 2FP B . 1.01 6.02 5.21
C5 2FP B . 1.58 4.69 4.78
O5 2FP B . 2.09 3.98 5.93
C4 2FP B . 0.49 3.84 4.13
O4 2FP B . -0.27 4.66 3.21
C3 2FP B . 1.14 2.60 3.49
O3 2FP B . 1.90 2.92 2.33
C2 2FP B . 0.14 1.70 2.87
C1 2FP B . -0.86 0.98 3.78
O1 2FP B . -0.70 1.23 5.16
O61 2FP B . 3.36 8.78 6.26
O62 2FP B . 1.55 9.09 4.47
O63 2FP B . 0.84 8.63 6.80
P1 2FP B . -1.81 0.49 6.07
O11 2FP B . -1.33 0.84 7.47
O12 2FP B . -3.30 1.02 5.81
O13 2FP B . -1.86 -0.97 5.64
#